data_1AXN
#
_entry.id   1AXN
#
_cell.length_a   42.544
_cell.length_b   69.085
_cell.length_c   50.950
_cell.angle_alpha   90.00
_cell.angle_beta   95.55
_cell.angle_gamma   90.00
#
_symmetry.space_group_name_H-M   'P 1 21 1'
#
loop_
_entity.id
_entity.type
_entity.pdbx_description
1 polymer 'ANNEXIN III'
2 non-polymer 'CALCIUM ION'
3 water water
#
_entity_poly.entity_id   1
_entity_poly.type   'polypeptide(L)'
_entity_poly.pdbx_seq_one_letter_code
;SASIWVGHRGTVRDYPDFSPSVDAEAIQKAIRGIGTDEKMLISILTERSNAQRQLIVKEYQAAYGKELKDDLKGDLSGHF
EHLMVALVTPPAVFDAKQLKKSMKGAGTNEDALIEILTTRTSRQMKDISQAYYTVYKKSLGDDISSETSGDFRKALLTLA
DGRRDESLKVDEHLAKQDAQILYKAGENRWGTDEDKFTEILCLRSFPQLKLTFDEYRNISQKDIVDSIKGELSGHFEDLL
LAIVNCVRNTPAFLAERLHRALKGIGTDEFTLNRIMVSRSEIDLLDIRTEFKKHYGYSLYSAIKSDTSGDYEITLLKICG
GDD
;
_entity_poly.pdbx_strand_id   A
#
loop_
_chem_comp.id
_chem_comp.type
_chem_comp.name
_chem_comp.formula
CA non-polymer 'CALCIUM ION' 'Ca 2'
#
# COMPACT_ATOMS: atom_id res chain seq x y z
N SER A 1 9.91 -11.21 -17.22
CA SER A 1 9.79 -10.65 -15.91
C SER A 1 9.50 -9.15 -15.97
N ALA A 2 8.29 -8.94 -15.52
CA ALA A 2 7.69 -7.61 -15.47
C ALA A 2 7.67 -7.49 -13.92
N SER A 3 7.83 -6.31 -13.39
CA SER A 3 7.80 -6.20 -11.93
C SER A 3 6.38 -6.26 -11.40
N ILE A 4 6.27 -7.19 -10.43
CA ILE A 4 4.99 -7.38 -9.74
C ILE A 4 4.83 -6.12 -8.87
N TRP A 5 5.97 -5.40 -8.82
CA TRP A 5 5.97 -4.18 -8.03
C TRP A 5 5.90 -2.91 -8.88
N VAL A 6 5.78 -3.10 -10.19
CA VAL A 6 5.70 -1.96 -11.09
C VAL A 6 4.42 -2.04 -11.93
N GLY A 7 3.67 -0.96 -11.99
CA GLY A 7 2.43 -0.97 -12.76
C GLY A 7 2.52 0.01 -13.91
N HIS A 8 1.38 0.25 -14.55
CA HIS A 8 1.27 1.13 -15.70
C HIS A 8 0.95 2.59 -15.47
N ARG A 9 0.59 2.97 -14.25
CA ARG A 9 0.22 4.34 -13.95
C ARG A 9 1.00 4.99 -12.83
N GLY A 10 2.31 4.69 -12.75
CA GLY A 10 3.10 5.30 -11.70
C GLY A 10 3.55 6.70 -12.13
N THR A 11 4.05 7.49 -11.18
CA THR A 11 4.52 8.84 -11.44
C THR A 11 6.05 8.82 -11.52
N VAL A 12 6.67 7.76 -11.01
CA VAL A 12 8.12 7.61 -11.01
C VAL A 12 8.47 6.53 -12.03
N ARG A 13 9.38 6.86 -12.95
CA ARG A 13 9.76 5.87 -13.95
C ARG A 13 11.29 5.80 -14.00
N ASP A 14 11.75 4.84 -14.79
CA ASP A 14 13.19 4.67 -14.95
C ASP A 14 13.80 5.91 -15.56
N TYR A 15 14.90 6.37 -15.01
CA TYR A 15 15.63 7.54 -15.52
C TYR A 15 16.45 6.91 -16.66
N PRO A 16 16.26 7.35 -17.90
CA PRO A 16 16.97 6.75 -19.01
C PRO A 16 18.47 6.90 -19.02
N ASP A 17 19.04 7.98 -18.55
CA ASP A 17 20.48 8.15 -18.56
C ASP A 17 21.21 7.76 -17.31
N PHE A 18 20.61 6.85 -16.58
CA PHE A 18 21.13 6.37 -15.33
C PHE A 18 22.52 5.75 -15.37
N SER A 19 23.32 6.08 -14.37
CA SER A 19 24.66 5.58 -14.16
C SER A 19 24.78 5.41 -12.62
N PRO A 20 24.77 4.18 -12.17
CA PRO A 20 24.88 3.90 -10.75
C PRO A 20 26.11 4.51 -10.10
N SER A 21 27.25 4.38 -10.75
CA SER A 21 28.50 4.93 -10.25
C SER A 21 28.45 6.43 -10.03
N VAL A 22 27.95 7.14 -11.03
CA VAL A 22 27.82 8.58 -10.99
C VAL A 22 26.90 8.96 -9.83
N ASP A 23 25.73 8.28 -9.77
CA ASP A 23 24.81 8.60 -8.66
C ASP A 23 25.40 8.29 -7.29
N ALA A 24 26.01 7.12 -7.09
CA ALA A 24 26.57 6.79 -5.77
C ALA A 24 27.60 7.80 -5.31
N GLU A 25 28.48 8.21 -6.23
CA GLU A 25 29.53 9.18 -5.94
C GLU A 25 28.85 10.48 -5.57
N ALA A 26 27.87 10.92 -6.34
CA ALA A 26 27.17 12.16 -6.00
C ALA A 26 26.52 12.09 -4.60
N ILE A 27 25.92 10.94 -4.28
CA ILE A 27 25.27 10.82 -2.97
C ILE A 27 26.36 10.89 -1.90
N GLN A 28 27.45 10.17 -2.12
CA GLN A 28 28.53 10.18 -1.12
C GLN A 28 29.06 11.58 -0.87
N LYS A 29 29.36 12.33 -1.93
CA LYS A 29 29.88 13.68 -1.75
C LYS A 29 28.85 14.53 -1.00
N ALA A 30 27.57 14.33 -1.28
CA ALA A 30 26.46 15.04 -0.69
C ALA A 30 26.30 14.86 0.81
N ILE A 31 26.66 13.72 1.38
CA ILE A 31 26.46 13.59 2.83
C ILE A 31 27.78 13.66 3.57
N ARG A 32 28.85 13.38 2.85
CA ARG A 32 30.19 13.39 3.41
C ARG A 32 30.54 14.70 4.10
N GLY A 33 31.10 14.60 5.31
CA GLY A 33 31.50 15.76 6.07
C GLY A 33 30.45 16.51 6.85
N ILE A 34 30.72 17.80 7.12
CA ILE A 34 29.74 18.58 7.88
C ILE A 34 28.64 19.01 6.91
N GLY A 35 27.42 18.91 7.42
CA GLY A 35 26.28 19.32 6.61
C GLY A 35 25.91 18.17 5.67
N THR A 36 24.91 18.54 4.89
CA THR A 36 24.37 17.61 3.93
C THR A 36 23.80 18.37 2.76
N ASP A 37 24.00 17.84 1.56
CA ASP A 37 23.41 18.53 0.41
C ASP A 37 22.07 17.80 0.22
N GLU A 38 21.05 18.17 0.98
CA GLU A 38 19.75 17.51 0.87
C GLU A 38 19.16 17.67 -0.52
N LYS A 39 19.41 18.84 -1.11
CA LYS A 39 18.93 19.15 -2.45
C LYS A 39 19.45 18.14 -3.47
N MET A 40 20.70 17.75 -3.35
CA MET A 40 21.30 16.77 -4.27
C MET A 40 20.64 15.41 -4.08
N LEU A 41 20.45 15.05 -2.81
CA LEU A 41 19.81 13.77 -2.47
C LEU A 41 18.41 13.71 -3.07
N ILE A 42 17.68 14.82 -2.92
CA ILE A 42 16.32 14.87 -3.45
C ILE A 42 16.32 14.72 -4.98
N SER A 43 17.18 15.51 -5.59
CA SER A 43 17.33 15.53 -7.04
C SER A 43 17.59 14.16 -7.64
N ILE A 44 18.39 13.33 -6.97
CA ILE A 44 18.69 12.01 -7.47
C ILE A 44 17.67 10.92 -7.19
N LEU A 45 17.45 10.71 -5.89
CA LEU A 45 16.53 9.65 -5.45
C LEU A 45 15.10 9.79 -5.91
N THR A 46 14.55 10.99 -6.05
CA THR A 46 13.16 11.07 -6.51
C THR A 46 13.08 10.94 -8.03
N GLU A 47 14.24 10.99 -8.70
CA GLU A 47 14.27 10.88 -10.15
C GLU A 47 14.84 9.59 -10.67
N ARG A 48 14.83 8.58 -9.83
CA ARG A 48 15.30 7.24 -10.16
C ARG A 48 14.18 6.28 -9.72
N SER A 49 13.98 5.21 -10.44
CA SER A 49 12.95 4.24 -10.06
C SER A 49 13.51 3.41 -8.91
N ASN A 50 12.71 2.64 -8.17
CA ASN A 50 13.21 1.83 -7.07
C ASN A 50 14.30 0.86 -7.54
N ALA A 51 14.10 0.21 -8.67
CA ALA A 51 15.07 -0.73 -9.25
C ALA A 51 16.44 -0.04 -9.46
N GLN A 52 16.43 1.19 -9.95
CA GLN A 52 17.68 1.95 -10.16
C GLN A 52 18.29 2.29 -8.81
N ARG A 53 17.46 2.71 -7.84
CA ARG A 53 17.89 3.02 -6.49
C ARG A 53 18.58 1.79 -5.90
N GLN A 54 18.07 0.60 -6.20
CA GLN A 54 18.69 -0.62 -5.67
C GLN A 54 20.08 -0.74 -6.28
N LEU A 55 20.25 -0.37 -7.55
CA LEU A 55 21.57 -0.44 -8.20
C LEU A 55 22.50 0.61 -7.59
N ILE A 56 21.95 1.73 -7.15
CA ILE A 56 22.75 2.77 -6.53
C ILE A 56 23.20 2.24 -5.17
N VAL A 57 22.31 1.53 -4.48
CA VAL A 57 22.62 0.98 -3.15
C VAL A 57 23.77 -0.02 -3.28
N LYS A 58 23.67 -0.90 -4.25
CA LYS A 58 24.69 -1.91 -4.47
C LYS A 58 26.05 -1.26 -4.77
N GLU A 59 26.07 -0.28 -5.66
CA GLU A 59 27.23 0.47 -6.06
C GLU A 59 27.89 1.24 -4.93
N TYR A 60 27.05 1.84 -4.06
CA TYR A 60 27.48 2.60 -2.91
C TYR A 60 28.17 1.69 -1.89
N GLN A 61 27.70 0.45 -1.84
CA GLN A 61 28.28 -0.52 -0.93
C GLN A 61 29.67 -0.89 -1.47
N ALA A 62 29.66 -1.22 -2.76
CA ALA A 62 30.89 -1.59 -3.43
C ALA A 62 31.98 -0.52 -3.29
N ALA A 63 31.67 0.71 -3.68
CA ALA A 63 32.63 1.79 -3.63
C ALA A 63 32.99 2.33 -2.26
N TYR A 64 32.10 2.16 -1.28
CA TYR A 64 32.39 2.68 0.06
C TYR A 64 32.30 1.70 1.19
N GLY A 65 31.91 0.46 0.92
CA GLY A 65 31.81 -0.53 2.00
C GLY A 65 30.83 0.04 3.05
N LYS A 66 29.94 0.92 2.58
CA LYS A 66 28.93 1.56 3.39
C LYS A 66 27.52 1.26 2.88
N GLU A 67 26.61 1.10 3.85
CA GLU A 67 25.23 0.83 3.51
C GLU A 67 24.54 2.18 3.33
N LEU A 68 24.00 2.43 2.15
CA LEU A 68 23.36 3.73 1.93
C LEU A 68 22.30 4.07 2.97
N LYS A 69 21.42 3.17 3.34
CA LYS A 69 20.39 3.48 4.35
C LYS A 69 20.98 3.98 5.65
N ASP A 70 22.08 3.40 6.14
CA ASP A 70 22.70 3.84 7.38
C ASP A 70 23.28 5.24 7.26
N ASP A 71 23.85 5.59 6.11
CA ASP A 71 24.38 6.95 5.99
C ASP A 71 23.23 7.95 5.98
N LEU A 72 22.13 7.56 5.35
CA LEU A 72 20.96 8.44 5.32
C LEU A 72 20.43 8.65 6.74
N LYS A 73 20.31 7.60 7.53
CA LYS A 73 19.82 7.67 8.90
C LYS A 73 20.74 8.49 9.78
N GLY A 74 22.04 8.50 9.48
CA GLY A 74 22.99 9.27 10.28
C GLY A 74 23.00 10.76 9.98
N ASP A 75 22.68 11.13 8.74
CA ASP A 75 22.67 12.51 8.31
C ASP A 75 21.34 13.22 8.28
N LEU A 76 20.30 12.45 7.96
CA LEU A 76 18.98 13.04 7.86
C LEU A 76 18.15 12.87 9.15
N SER A 77 17.17 13.76 9.28
CA SER A 77 16.32 13.69 10.45
C SER A 77 14.86 13.88 10.06
N GLY A 78 13.96 13.50 10.96
CA GLY A 78 12.54 13.65 10.77
C GLY A 78 11.83 12.95 9.65
N HIS A 79 10.77 13.60 9.19
CA HIS A 79 9.93 13.06 8.10
C HIS A 79 10.73 12.89 6.80
N PHE A 80 11.61 13.86 6.56
CA PHE A 80 12.46 13.83 5.37
C PHE A 80 13.30 12.56 5.43
N GLU A 81 13.87 12.24 6.61
CA GLU A 81 14.67 11.03 6.73
C GLU A 81 13.86 9.76 6.47
N HIS A 82 12.68 9.71 7.11
CA HIS A 82 11.84 8.52 6.91
C HIS A 82 11.49 8.34 5.44
N LEU A 83 11.12 9.42 4.79
CA LEU A 83 10.74 9.38 3.39
C LEU A 83 11.89 8.91 2.52
N MET A 84 13.08 9.47 2.79
CA MET A 84 14.29 9.11 2.02
C MET A 84 14.67 7.65 2.22
N VAL A 85 14.60 7.11 3.43
CA VAL A 85 14.93 5.72 3.67
C VAL A 85 13.87 4.82 3.00
N ALA A 86 12.62 5.27 3.01
CA ALA A 86 11.53 4.51 2.40
C ALA A 86 11.84 4.32 0.91
N LEU A 87 12.30 5.41 0.29
CA LEU A 87 12.62 5.38 -1.14
C LEU A 87 13.70 4.40 -1.53
N VAL A 88 14.71 4.18 -0.67
CA VAL A 88 15.79 3.25 -0.99
C VAL A 88 15.53 1.83 -0.51
N THR A 89 14.36 1.60 0.11
CA THR A 89 14.00 0.26 0.58
C THR A 89 13.28 -0.53 -0.52
N PRO A 90 13.66 -1.78 -0.78
CA PRO A 90 13.00 -2.62 -1.78
C PRO A 90 11.51 -2.66 -1.39
N PRO A 91 10.64 -2.70 -2.37
CA PRO A 91 9.22 -2.69 -2.14
C PRO A 91 8.65 -3.75 -1.20
N ALA A 92 9.05 -5.00 -1.36
CA ALA A 92 8.51 -6.07 -0.48
C ALA A 92 8.96 -5.85 0.96
N VAL A 93 10.19 -5.38 1.13
CA VAL A 93 10.76 -5.09 2.44
C VAL A 93 10.09 -3.88 3.03
N PHE A 94 9.78 -2.84 2.25
CA PHE A 94 9.10 -1.66 2.77
C PHE A 94 7.72 -2.09 3.33
N ASP A 95 6.97 -2.85 2.56
CA ASP A 95 5.64 -3.31 3.00
C ASP A 95 5.76 -4.18 4.26
N ALA A 96 6.72 -5.10 4.30
CA ALA A 96 6.90 -5.94 5.49
C ALA A 96 7.13 -5.08 6.70
N LYS A 97 8.01 -4.08 6.61
CA LYS A 97 8.31 -3.20 7.72
C LYS A 97 7.10 -2.36 8.11
N GLN A 98 6.36 -1.86 7.13
CA GLN A 98 5.18 -1.04 7.44
C GLN A 98 4.18 -1.88 8.25
N LEU A 99 4.07 -3.15 7.88
CA LEU A 99 3.18 -4.13 8.52
C LEU A 99 3.67 -4.36 9.95
N LYS A 100 4.98 -4.54 10.14
CA LYS A 100 5.47 -4.74 11.50
C LYS A 100 5.17 -3.51 12.35
N LYS A 101 5.45 -2.36 11.73
CA LYS A 101 5.23 -1.09 12.39
C LYS A 101 3.76 -0.89 12.80
N SER A 102 2.83 -1.43 12.03
CA SER A 102 1.41 -1.23 12.36
C SER A 102 0.93 -2.13 13.49
N MET A 103 1.71 -3.10 13.88
CA MET A 103 1.42 -4.04 14.94
C MET A 103 2.32 -3.82 16.15
N LYS A 104 3.25 -2.89 16.00
CA LYS A 104 4.17 -2.63 17.08
C LYS A 104 3.59 -1.81 18.23
N GLY A 105 3.84 -2.36 19.43
CA GLY A 105 3.48 -1.87 20.73
C GLY A 105 2.12 -2.21 21.32
N ALA A 106 1.68 -1.31 22.19
CA ALA A 106 0.40 -1.36 22.89
C ALA A 106 -0.47 -0.41 22.03
N GLY A 107 -1.04 -1.07 21.04
CA GLY A 107 -1.90 -0.57 20.01
C GLY A 107 -1.50 -1.32 18.73
N THR A 108 -2.43 -1.30 17.80
CA THR A 108 -2.30 -1.93 16.49
C THR A 108 -2.90 -0.88 15.56
N ASN A 109 -2.30 -0.72 14.40
CA ASN A 109 -2.88 0.26 13.48
C ASN A 109 -3.71 -0.60 12.52
N GLU A 110 -4.98 -0.85 12.86
CA GLU A 110 -5.85 -1.65 12.03
C GLU A 110 -6.04 -1.06 10.65
N ASP A 111 -6.14 0.26 10.55
CA ASP A 111 -6.32 0.90 9.24
C ASP A 111 -5.14 0.66 8.33
N ALA A 112 -3.90 0.68 8.82
CA ALA A 112 -2.74 0.42 7.98
C ALA A 112 -2.70 -1.04 7.52
N LEU A 113 -3.10 -1.96 8.41
CA LEU A 113 -3.14 -3.38 8.10
C LEU A 113 -4.16 -3.61 6.97
N ILE A 114 -5.32 -2.96 7.16
CA ILE A 114 -6.41 -3.08 6.18
C ILE A 114 -5.94 -2.57 4.81
N GLU A 115 -5.40 -1.36 4.87
CA GLU A 115 -4.87 -0.73 3.63
C GLU A 115 -3.91 -1.58 2.82
N ILE A 116 -2.89 -2.10 3.47
CA ILE A 116 -1.90 -2.91 2.80
C ILE A 116 -2.37 -4.26 2.37
N LEU A 117 -3.01 -4.97 3.31
CA LEU A 117 -3.46 -6.32 2.94
C LEU A 117 -4.57 -6.35 1.91
N THR A 118 -5.27 -5.24 1.74
CA THR A 118 -6.36 -5.28 0.75
C THR A 118 -5.87 -4.79 -0.61
N THR A 119 -4.86 -3.92 -0.62
CA THR A 119 -4.41 -3.40 -1.93
C THR A 119 -3.30 -4.16 -2.61
N ARG A 120 -2.62 -5.06 -1.92
CA ARG A 120 -1.54 -5.81 -2.52
C ARG A 120 -2.08 -7.03 -3.25
N THR A 121 -1.45 -7.40 -4.35
CA THR A 121 -1.88 -8.59 -5.10
C THR A 121 -1.36 -9.84 -4.40
N SER A 122 -1.81 -11.04 -4.77
CA SER A 122 -1.36 -12.28 -4.18
C SER A 122 0.15 -12.43 -4.36
N ARG A 123 0.59 -12.07 -5.57
CA ARG A 123 2.02 -12.19 -5.87
C ARG A 123 2.84 -11.28 -4.97
N GLN A 124 2.45 -10.03 -4.80
CA GLN A 124 3.13 -9.11 -3.92
C GLN A 124 3.08 -9.62 -2.46
N MET A 125 1.93 -10.21 -2.09
CA MET A 125 1.74 -10.74 -0.73
C MET A 125 2.71 -11.89 -0.48
N LYS A 126 2.96 -12.74 -1.44
CA LYS A 126 3.90 -13.86 -1.27
C LYS A 126 5.29 -13.27 -1.04
N ASP A 127 5.61 -12.20 -1.78
CA ASP A 127 6.90 -11.53 -1.65
C ASP A 127 7.07 -10.87 -0.29
N ILE A 128 5.97 -10.23 0.12
CA ILE A 128 5.97 -9.57 1.41
C ILE A 128 6.14 -10.60 2.52
N SER A 129 5.52 -11.76 2.43
CA SER A 129 5.64 -12.79 3.46
C SER A 129 7.08 -13.25 3.59
N GLN A 130 7.69 -13.44 2.43
CA GLN A 130 9.08 -13.88 2.39
C GLN A 130 9.96 -12.82 3.02
N ALA A 131 9.80 -11.54 2.68
CA ALA A 131 10.58 -10.44 3.21
C ALA A 131 10.40 -10.30 4.71
N TYR A 132 9.14 -10.48 5.13
CA TYR A 132 8.81 -10.38 6.56
C TYR A 132 9.65 -11.40 7.34
N TYR A 133 9.64 -12.62 6.85
CA TYR A 133 10.40 -13.68 7.47
C TYR A 133 11.88 -13.34 7.49
N THR A 134 12.37 -12.89 6.33
CA THR A 134 13.79 -12.54 6.27
C THR A 134 14.18 -11.48 7.27
N VAL A 135 13.39 -10.41 7.33
CA VAL A 135 13.69 -9.32 8.25
C VAL A 135 13.32 -9.66 9.68
N TYR A 136 12.20 -10.30 9.94
CA TYR A 136 11.85 -10.59 11.34
C TYR A 136 12.11 -11.99 11.84
N LYS A 137 12.32 -12.94 10.95
CA LYS A 137 12.56 -14.32 11.30
C LYS A 137 11.33 -14.95 11.95
N LYS A 138 10.16 -14.42 11.62
CA LYS A 138 8.89 -14.90 12.13
C LYS A 138 7.91 -14.69 10.95
N SER A 139 6.88 -15.53 10.90
CA SER A 139 5.97 -15.28 9.78
C SER A 139 5.04 -14.12 10.13
N LEU A 140 4.54 -13.48 9.07
CA LEU A 140 3.61 -12.36 9.15
C LEU A 140 2.34 -12.86 9.87
N GLY A 141 1.90 -14.07 9.50
CA GLY A 141 0.74 -14.74 10.08
C GLY A 141 0.89 -14.84 11.59
N ASP A 142 2.03 -15.24 12.13
CA ASP A 142 2.21 -15.34 13.57
C ASP A 142 1.99 -13.99 14.25
N ASP A 143 2.51 -12.94 13.66
CA ASP A 143 2.40 -11.61 14.21
C ASP A 143 0.94 -11.13 14.14
N ILE A 144 0.32 -11.41 13.01
CA ILE A 144 -1.07 -10.97 12.85
C ILE A 144 -1.91 -11.67 13.92
N SER A 145 -1.71 -12.97 14.00
CA SER A 145 -2.41 -13.81 14.96
C SER A 145 -2.39 -13.29 16.38
N SER A 146 -1.24 -12.76 16.78
CA SER A 146 -1.07 -12.22 18.11
C SER A 146 -1.50 -10.80 18.30
N GLU A 147 -1.69 -9.98 17.27
CA GLU A 147 -2.11 -8.60 17.52
C GLU A 147 -3.54 -8.28 17.15
N THR A 148 -4.28 -9.28 16.72
CA THR A 148 -5.66 -9.11 16.33
C THR A 148 -6.40 -10.36 16.81
N SER A 149 -7.72 -10.26 16.73
CA SER A 149 -8.56 -11.40 17.14
C SER A 149 -9.91 -11.35 16.42
N GLY A 150 -10.74 -12.34 16.73
CA GLY A 150 -12.07 -12.43 16.17
C GLY A 150 -11.99 -12.64 14.66
N ASP A 151 -13.10 -12.24 14.07
CA ASP A 151 -13.26 -12.38 12.62
C ASP A 151 -12.23 -11.51 11.91
N PHE A 152 -11.89 -10.38 12.48
CA PHE A 152 -10.88 -9.51 11.84
C PHE A 152 -9.59 -10.31 11.67
N ARG A 153 -9.16 -10.97 12.75
CA ARG A 153 -7.96 -11.77 12.71
C ARG A 153 -8.02 -12.84 11.64
N LYS A 154 -9.11 -13.61 11.60
CA LYS A 154 -9.23 -14.67 10.62
C LYS A 154 -9.19 -14.14 9.19
N ALA A 155 -9.82 -13.01 8.90
CA ALA A 155 -9.79 -12.49 7.53
C ALA A 155 -8.38 -11.99 7.16
N LEU A 156 -7.70 -11.33 8.09
CA LEU A 156 -6.34 -10.85 7.82
C LEU A 156 -5.43 -12.05 7.55
N LEU A 157 -5.56 -13.13 8.32
CA LEU A 157 -4.78 -14.32 8.15
C LEU A 157 -5.08 -14.91 6.77
N THR A 158 -6.32 -14.85 6.30
CA THR A 158 -6.57 -15.42 4.97
C THR A 158 -5.89 -14.55 3.93
N LEU A 159 -5.98 -13.23 4.01
CA LEU A 159 -5.33 -12.36 3.03
C LEU A 159 -3.82 -12.46 3.04
N ALA A 160 -3.19 -12.57 4.19
CA ALA A 160 -1.75 -12.67 4.35
C ALA A 160 -1.21 -13.94 3.70
N ASP A 161 -2.06 -14.92 3.41
CA ASP A 161 -1.60 -16.14 2.79
C ASP A 161 -1.40 -15.94 1.30
N GLY A 162 -1.91 -14.84 0.80
CA GLY A 162 -1.79 -14.54 -0.63
C GLY A 162 -2.39 -15.63 -1.49
N ARG A 163 -3.48 -16.24 -1.02
CA ARG A 163 -4.10 -17.31 -1.82
C ARG A 163 -5.26 -16.83 -2.70
N ARG A 164 -5.55 -15.55 -2.79
CA ARG A 164 -6.65 -15.08 -3.64
C ARG A 164 -6.44 -15.62 -5.05
N ASP A 165 -7.49 -16.06 -5.71
CA ASP A 165 -7.42 -16.60 -7.05
C ASP A 165 -6.87 -15.52 -8.01
N GLU A 166 -5.86 -15.93 -8.77
CA GLU A 166 -5.23 -15.03 -9.73
C GLU A 166 -5.72 -15.30 -11.15
N SER A 167 -6.55 -16.30 -11.38
CA SER A 167 -7.00 -16.53 -12.74
C SER A 167 -7.62 -15.31 -13.42
N LEU A 168 -7.60 -15.37 -14.75
CA LEU A 168 -8.14 -14.38 -15.64
C LEU A 168 -9.55 -14.84 -16.08
N LYS A 169 -9.83 -16.12 -15.81
CA LYS A 169 -11.12 -16.67 -16.16
C LYS A 169 -12.16 -16.37 -15.07
N VAL A 170 -13.41 -16.33 -15.49
CA VAL A 170 -14.49 -16.08 -14.54
C VAL A 170 -15.42 -17.29 -14.72
N ASP A 171 -16.29 -17.46 -13.73
CA ASP A 171 -17.26 -18.59 -13.75
C ASP A 171 -18.61 -17.98 -13.39
N GLU A 172 -19.50 -17.80 -14.35
CA GLU A 172 -20.80 -17.20 -14.03
C GLU A 172 -21.58 -18.12 -13.08
N HIS A 173 -21.36 -19.41 -13.25
CA HIS A 173 -22.01 -20.39 -12.40
C HIS A 173 -21.57 -20.14 -10.95
N LEU A 174 -20.25 -19.99 -10.79
CA LEU A 174 -19.70 -19.76 -9.47
C LEU A 174 -20.17 -18.45 -8.85
N ALA A 175 -20.30 -17.39 -9.62
CA ALA A 175 -20.75 -16.10 -9.13
C ALA A 175 -22.17 -16.17 -8.56
N LYS A 176 -23.02 -16.96 -9.21
CA LYS A 176 -24.39 -17.09 -8.74
C LYS A 176 -24.44 -17.90 -7.45
N GLN A 177 -23.67 -18.97 -7.37
CA GLN A 177 -23.68 -19.77 -6.19
C GLN A 177 -23.11 -18.98 -5.01
N ASP A 178 -22.07 -18.21 -5.32
CA ASP A 178 -21.47 -17.43 -4.24
C ASP A 178 -22.41 -16.32 -3.80
N ALA A 179 -23.11 -15.68 -4.75
CA ALA A 179 -24.01 -14.58 -4.38
C ALA A 179 -25.15 -15.12 -3.50
N GLN A 180 -25.59 -16.35 -3.76
CA GLN A 180 -26.64 -17.04 -3.04
C GLN A 180 -26.11 -17.36 -1.63
N ILE A 181 -24.87 -17.80 -1.58
CA ILE A 181 -24.24 -18.13 -0.31
C ILE A 181 -24.14 -16.87 0.57
N LEU A 182 -23.71 -15.74 -0.01
CA LEU A 182 -23.58 -14.52 0.76
C LEU A 182 -24.93 -14.06 1.29
N TYR A 183 -25.94 -14.24 0.42
CA TYR A 183 -27.31 -13.84 0.78
C TYR A 183 -27.81 -14.64 1.98
N LYS A 184 -27.65 -15.95 1.88
CA LYS A 184 -28.02 -16.91 2.90
C LYS A 184 -27.20 -16.77 4.18
N ALA A 185 -25.94 -16.33 4.08
CA ALA A 185 -25.04 -16.17 5.21
C ALA A 185 -25.23 -14.84 5.96
N GLY A 186 -26.01 -13.94 5.38
CA GLY A 186 -26.20 -12.67 5.99
C GLY A 186 -27.60 -12.15 6.14
N GLU A 187 -28.08 -11.44 5.14
CA GLU A 187 -29.38 -10.83 5.08
C GLU A 187 -30.54 -11.77 5.34
N ASN A 188 -30.44 -12.97 4.75
CA ASN A 188 -31.48 -13.96 4.91
C ASN A 188 -31.47 -14.72 6.21
N ARG A 189 -30.67 -14.34 7.19
CA ARG A 189 -30.71 -15.10 8.44
C ARG A 189 -30.47 -14.25 9.68
N TRP A 190 -30.90 -14.75 10.84
CA TRP A 190 -30.65 -14.00 12.08
C TRP A 190 -29.12 -14.12 12.25
N GLY A 191 -28.45 -13.05 12.62
CA GLY A 191 -27.01 -13.10 12.77
C GLY A 191 -26.35 -13.19 11.39
N THR A 192 -25.11 -13.65 11.41
CA THR A 192 -24.33 -13.76 10.19
C THR A 192 -23.30 -14.88 10.19
N ASP A 193 -23.03 -15.47 9.05
CA ASP A 193 -22.01 -16.50 8.95
C ASP A 193 -20.81 -15.65 8.45
N GLU A 194 -20.04 -15.10 9.37
CA GLU A 194 -18.90 -14.25 9.07
C GLU A 194 -17.83 -14.98 8.23
N ASP A 195 -17.57 -16.22 8.64
CA ASP A 195 -16.57 -16.99 7.91
C ASP A 195 -16.89 -17.10 6.42
N LYS A 196 -18.17 -17.13 6.06
CA LYS A 196 -18.51 -17.26 4.65
C LYS A 196 -18.22 -15.93 3.94
N PHE A 197 -18.40 -14.80 4.62
CA PHE A 197 -18.11 -13.50 4.01
C PHE A 197 -16.60 -13.43 3.73
N THR A 198 -15.87 -13.84 4.76
CA THR A 198 -14.41 -13.84 4.65
C THR A 198 -13.92 -14.69 3.49
N GLU A 199 -14.41 -15.92 3.42
CA GLU A 199 -14.01 -16.85 2.39
C GLU A 199 -14.20 -16.31 0.98
N ILE A 200 -15.40 -15.85 0.69
CA ILE A 200 -15.68 -15.35 -0.65
C ILE A 200 -14.95 -14.04 -0.97
N LEU A 201 -15.06 -13.03 -0.10
CA LEU A 201 -14.39 -11.77 -0.37
C LEU A 201 -12.87 -11.84 -0.32
N CYS A 202 -12.29 -12.86 0.31
CA CYS A 202 -10.85 -12.91 0.34
C CYS A 202 -10.22 -13.87 -0.68
N LEU A 203 -10.94 -14.88 -1.16
CA LEU A 203 -10.33 -15.83 -2.07
C LEU A 203 -10.73 -15.75 -3.52
N ARG A 204 -11.82 -15.08 -3.83
CA ARG A 204 -12.22 -14.96 -5.23
C ARG A 204 -11.43 -13.81 -5.86
N SER A 205 -11.08 -13.97 -7.13
CA SER A 205 -10.34 -12.92 -7.84
C SER A 205 -11.20 -11.67 -7.93
N PHE A 206 -10.65 -10.50 -8.21
CA PHE A 206 -11.40 -9.24 -8.32
C PHE A 206 -12.46 -9.26 -9.40
N PRO A 207 -12.12 -9.83 -10.57
CA PRO A 207 -13.04 -9.93 -11.68
C PRO A 207 -14.23 -10.82 -11.29
N GLN A 208 -13.93 -11.94 -10.66
CA GLN A 208 -14.93 -12.88 -10.22
C GLN A 208 -15.85 -12.21 -9.21
N LEU A 209 -15.26 -11.43 -8.31
CA LEU A 209 -16.02 -10.72 -7.29
C LEU A 209 -16.93 -9.69 -7.94
N LYS A 210 -16.44 -9.07 -9.01
CA LYS A 210 -17.30 -8.07 -9.66
C LYS A 210 -18.52 -8.81 -10.17
N LEU A 211 -18.40 -10.03 -10.67
CA LEU A 211 -19.61 -10.71 -11.14
C LEU A 211 -20.53 -11.07 -9.97
N THR A 212 -19.92 -11.56 -8.91
CA THR A 212 -20.61 -11.95 -7.71
C THR A 212 -21.37 -10.74 -7.17
N PHE A 213 -20.81 -9.54 -7.16
CA PHE A 213 -21.57 -8.39 -6.63
C PHE A 213 -22.76 -8.08 -7.53
N ASP A 214 -22.66 -8.36 -8.81
CA ASP A 214 -23.78 -8.09 -9.71
C ASP A 214 -24.90 -9.08 -9.37
N GLU A 215 -24.58 -10.36 -9.28
CA GLU A 215 -25.55 -11.39 -8.98
C GLU A 215 -26.19 -11.14 -7.62
N TYR A 216 -25.38 -10.75 -6.65
CA TYR A 216 -25.86 -10.48 -5.32
C TYR A 216 -26.96 -9.42 -5.31
N ARG A 217 -26.70 -8.36 -6.09
CA ARG A 217 -27.66 -7.26 -6.20
C ARG A 217 -28.97 -7.81 -6.78
N ASN A 218 -28.86 -8.73 -7.72
CA ASN A 218 -30.02 -9.36 -8.34
C ASN A 218 -30.79 -10.22 -7.35
N ILE A 219 -30.10 -11.07 -6.59
CA ILE A 219 -30.72 -11.92 -5.62
C ILE A 219 -31.38 -11.12 -4.49
N SER A 220 -30.58 -10.28 -3.86
CA SER A 220 -31.02 -9.48 -2.74
C SER A 220 -31.66 -8.15 -3.00
N GLN A 221 -31.50 -7.57 -4.19
CA GLN A 221 -32.07 -6.27 -4.50
C GLN A 221 -31.40 -5.17 -3.70
N LYS A 222 -30.22 -5.45 -3.15
CA LYS A 222 -29.41 -4.57 -2.35
C LYS A 222 -27.92 -4.68 -2.73
N ASP A 223 -27.18 -3.60 -2.47
CA ASP A 223 -25.77 -3.71 -2.82
C ASP A 223 -25.09 -4.49 -1.70
N ILE A 224 -24.00 -5.16 -2.05
CA ILE A 224 -23.22 -5.94 -1.10
C ILE A 224 -22.78 -5.00 0.01
N VAL A 225 -22.49 -3.75 -0.32
CA VAL A 225 -22.06 -2.78 0.69
C VAL A 225 -23.13 -2.60 1.76
N ASP A 226 -24.39 -2.54 1.30
CA ASP A 226 -25.52 -2.36 2.22
C ASP A 226 -25.60 -3.54 3.18
N SER A 227 -25.44 -4.73 2.62
CA SER A 227 -25.49 -5.95 3.44
C SER A 227 -24.39 -5.95 4.48
N ILE A 228 -23.16 -5.64 4.04
CA ILE A 228 -22.02 -5.60 4.96
C ILE A 228 -22.24 -4.59 6.07
N LYS A 229 -22.73 -3.39 5.71
CA LYS A 229 -22.94 -2.41 6.76
C LYS A 229 -24.05 -2.89 7.72
N GLY A 230 -25.06 -3.56 7.20
CA GLY A 230 -26.11 -4.02 8.12
C GLY A 230 -25.78 -5.22 8.99
N GLU A 231 -25.01 -6.15 8.47
CA GLU A 231 -24.65 -7.37 9.17
C GLU A 231 -23.40 -7.36 10.02
N LEU A 232 -22.40 -6.56 9.62
CA LEU A 232 -21.15 -6.50 10.35
C LEU A 232 -20.86 -5.20 11.06
N SER A 233 -19.82 -5.26 11.90
CA SER A 233 -19.40 -4.10 12.66
C SER A 233 -17.89 -4.15 12.95
N GLY A 234 -17.37 -3.07 13.51
CA GLY A 234 -15.98 -2.99 13.86
C GLY A 234 -14.98 -3.02 12.70
N HIS A 235 -13.77 -3.48 13.02
CA HIS A 235 -12.69 -3.57 12.07
C HIS A 235 -12.97 -4.57 10.96
N PHE A 236 -13.73 -5.63 11.29
CA PHE A 236 -14.08 -6.66 10.31
C PHE A 236 -14.90 -6.02 9.21
N GLU A 237 -15.88 -5.19 9.60
CA GLU A 237 -16.74 -4.48 8.67
C GLU A 237 -15.83 -3.58 7.80
N ASP A 238 -14.92 -2.85 8.44
CA ASP A 238 -14.02 -1.94 7.71
C ASP A 238 -13.19 -2.69 6.68
N LEU A 239 -12.70 -3.88 7.08
CA LEU A 239 -11.88 -4.66 6.15
C LEU A 239 -12.65 -5.15 4.93
N LEU A 240 -13.88 -5.64 5.15
CA LEU A 240 -14.67 -6.15 4.01
C LEU A 240 -15.09 -4.98 3.11
N LEU A 241 -15.42 -3.81 3.63
CA LEU A 241 -15.80 -2.65 2.85
C LEU A 241 -14.56 -2.21 2.01
N ALA A 242 -13.39 -2.32 2.60
CA ALA A 242 -12.11 -1.98 1.96
C ALA A 242 -11.94 -2.92 0.78
N ILE A 243 -12.22 -4.20 0.98
CA ILE A 243 -12.10 -5.18 -0.11
C ILE A 243 -13.06 -4.79 -1.23
N VAL A 244 -14.29 -4.43 -0.91
CA VAL A 244 -15.29 -4.06 -1.92
C VAL A 244 -14.84 -2.83 -2.71
N ASN A 245 -14.38 -1.81 -2.00
CA ASN A 245 -13.92 -0.58 -2.64
C ASN A 245 -12.68 -0.81 -3.52
N CYS A 246 -11.84 -1.74 -3.09
CA CYS A 246 -10.63 -2.05 -3.85
C CYS A 246 -11.03 -2.81 -5.11
N VAL A 247 -12.04 -3.67 -5.01
CA VAL A 247 -12.47 -4.39 -6.19
C VAL A 247 -12.98 -3.37 -7.21
N ARG A 248 -13.78 -2.43 -6.72
CA ARG A 248 -14.34 -1.44 -7.61
C ARG A 248 -13.40 -0.33 -8.05
N ASN A 249 -12.58 0.18 -7.13
CA ASN A 249 -11.70 1.25 -7.51
C ASN A 249 -10.63 1.41 -6.45
N THR A 250 -9.53 0.69 -6.72
CA THR A 250 -8.40 0.79 -5.76
C THR A 250 -7.81 2.18 -5.66
N PRO A 251 -7.53 2.92 -6.72
CA PRO A 251 -6.99 4.26 -6.64
C PRO A 251 -7.87 5.20 -5.84
N ALA A 252 -9.20 5.06 -5.90
CA ALA A 252 -10.11 5.95 -5.14
C ALA A 252 -10.04 5.58 -3.67
N PHE A 253 -9.90 4.29 -3.35
CA PHE A 253 -9.79 3.85 -1.95
C PHE A 253 -8.53 4.51 -1.35
N LEU A 254 -7.41 4.41 -2.11
CA LEU A 254 -6.15 5.00 -1.66
C LEU A 254 -6.17 6.51 -1.66
N ALA A 255 -6.91 7.16 -2.55
CA ALA A 255 -7.05 8.60 -2.64
C ALA A 255 -7.74 9.03 -1.34
N GLU A 256 -8.69 8.17 -0.91
CA GLU A 256 -9.40 8.47 0.33
C GLU A 256 -8.47 8.36 1.54
N ARG A 257 -7.61 7.37 1.59
CA ARG A 257 -6.70 7.25 2.73
C ARG A 257 -5.78 8.45 2.78
N LEU A 258 -5.33 8.93 1.60
CA LEU A 258 -4.45 10.09 1.55
C LEU A 258 -5.17 11.34 2.08
N HIS A 259 -6.43 11.42 1.65
CA HIS A 259 -7.29 12.53 2.06
C HIS A 259 -7.40 12.57 3.57
N ARG A 260 -7.72 11.46 4.23
CA ARG A 260 -7.82 11.45 5.68
C ARG A 260 -6.47 11.77 6.34
N ALA A 261 -5.38 11.30 5.73
CA ALA A 261 -4.04 11.53 6.29
C ALA A 261 -3.62 12.99 6.30
N LEU A 262 -4.12 13.74 5.32
CA LEU A 262 -3.83 15.15 5.15
C LEU A 262 -4.79 16.06 5.90
N LYS A 263 -6.01 15.62 6.17
CA LYS A 263 -7.00 16.42 6.86
C LYS A 263 -7.07 16.16 8.37
N GLY A 264 -7.84 17.03 8.99
CA GLY A 264 -8.13 17.06 10.41
C GLY A 264 -7.08 17.88 11.17
N ILE A 265 -6.77 17.40 12.39
CA ILE A 265 -5.76 18.09 13.17
C ILE A 265 -4.52 17.21 13.01
N GLY A 266 -3.50 17.72 12.36
CA GLY A 266 -2.31 16.91 12.19
C GLY A 266 -2.30 15.83 11.11
N THR A 267 -1.30 16.04 10.24
CA THR A 267 -1.02 15.16 9.13
C THR A 267 -0.44 13.85 9.65
N ASP A 268 -0.87 12.77 9.03
CA ASP A 268 -0.40 11.43 9.37
C ASP A 268 0.72 11.20 8.35
N GLU A 269 1.91 11.65 8.70
CA GLU A 269 3.05 11.48 7.79
C GLU A 269 3.34 10.04 7.43
N PHE A 270 3.08 9.08 8.32
CA PHE A 270 3.37 7.68 7.96
C PHE A 270 2.43 7.11 6.93
N THR A 271 1.17 7.50 6.94
CA THR A 271 0.24 6.98 5.94
C THR A 271 0.59 7.64 4.61
N LEU A 272 0.88 8.93 4.73
CA LEU A 272 1.25 9.71 3.53
C LEU A 272 2.49 9.12 2.86
N ASN A 273 3.54 8.93 3.66
CA ASN A 273 4.78 8.36 3.15
C ASN A 273 4.59 7.01 2.49
N ARG A 274 3.87 6.13 3.22
CA ARG A 274 3.64 4.80 2.72
C ARG A 274 2.92 4.77 1.38
N ILE A 275 1.80 5.48 1.27
CA ILE A 275 1.02 5.50 0.04
C ILE A 275 1.84 6.18 -1.07
N MET A 276 2.41 7.34 -0.76
CA MET A 276 3.20 8.05 -1.81
C MET A 276 4.31 7.17 -2.38
N VAL A 277 5.09 6.54 -1.49
CA VAL A 277 6.17 5.68 -1.95
C VAL A 277 5.71 4.38 -2.55
N SER A 278 4.91 3.59 -1.84
CA SER A 278 4.50 2.30 -2.37
C SER A 278 3.66 2.31 -3.63
N ARG A 279 2.96 3.39 -3.96
CA ARG A 279 2.16 3.40 -5.18
C ARG A 279 2.80 4.26 -6.26
N SER A 280 3.93 4.89 -5.96
CA SER A 280 4.57 5.75 -6.95
C SER A 280 4.89 5.07 -8.27
N GLU A 281 5.14 3.77 -8.31
CA GLU A 281 5.44 3.10 -9.57
C GLU A 281 4.32 2.17 -10.00
N ILE A 282 3.18 2.35 -9.33
CA ILE A 282 2.06 1.50 -9.67
C ILE A 282 0.87 2.29 -10.18
N ASP A 283 0.23 3.04 -9.29
CA ASP A 283 -0.95 3.77 -9.75
C ASP A 283 -1.14 5.14 -9.18
N LEU A 284 -0.05 5.75 -8.74
CA LEU A 284 -0.19 7.10 -8.18
C LEU A 284 -0.84 8.07 -9.18
N LEU A 285 -0.71 7.87 -10.49
CA LEU A 285 -1.35 8.77 -11.43
C LEU A 285 -2.88 8.69 -11.29
N ASP A 286 -3.37 7.45 -11.16
CA ASP A 286 -4.82 7.23 -11.00
C ASP A 286 -5.30 7.73 -9.64
N ILE A 287 -4.47 7.57 -8.60
CA ILE A 287 -4.80 8.03 -7.29
C ILE A 287 -4.94 9.55 -7.41
N ARG A 288 -4.05 10.19 -8.17
CA ARG A 288 -4.13 11.64 -8.34
C ARG A 288 -5.46 12.07 -8.96
N THR A 289 -5.84 11.35 -10.01
CA THR A 289 -7.06 11.61 -10.76
C THR A 289 -8.28 11.46 -9.84
N GLU A 290 -8.29 10.34 -9.13
CA GLU A 290 -9.40 10.09 -8.22
C GLU A 290 -9.47 11.15 -7.13
N PHE A 291 -8.33 11.50 -6.53
CA PHE A 291 -8.29 12.51 -5.47
C PHE A 291 -8.91 13.82 -5.93
N LYS A 292 -8.49 14.28 -7.11
CA LYS A 292 -9.01 15.52 -7.63
C LYS A 292 -10.50 15.36 -7.95
N LYS A 293 -10.90 14.24 -8.52
CA LYS A 293 -12.32 14.08 -8.86
C LYS A 293 -13.19 14.13 -7.60
N HIS A 294 -12.69 13.48 -6.56
CA HIS A 294 -13.44 13.44 -5.31
C HIS A 294 -13.33 14.67 -4.42
N TYR A 295 -12.18 15.33 -4.30
CA TYR A 295 -12.05 16.47 -3.40
C TYR A 295 -12.12 17.81 -4.05
N GLY A 296 -11.98 17.88 -5.36
CA GLY A 296 -12.07 19.19 -6.01
C GLY A 296 -10.76 19.90 -6.11
N TYR A 297 -9.73 19.35 -5.49
CA TYR A 297 -8.40 20.00 -5.56
C TYR A 297 -7.37 18.89 -5.77
N SER A 298 -6.24 19.23 -6.39
CA SER A 298 -5.22 18.21 -6.65
C SER A 298 -4.46 17.73 -5.43
N LEU A 299 -3.84 16.56 -5.57
CA LEU A 299 -3.04 16.00 -4.47
C LEU A 299 -1.84 16.92 -4.26
N TYR A 300 -1.34 17.44 -5.38
CA TYR A 300 -0.19 18.37 -5.37
C TYR A 300 -0.53 19.52 -4.43
N SER A 301 -1.68 20.19 -4.59
CA SER A 301 -1.97 21.30 -3.68
C SER A 301 -2.24 20.85 -2.26
N ALA A 302 -2.79 19.66 -2.05
CA ALA A 302 -3.03 19.21 -0.67
C ALA A 302 -1.68 19.08 0.01
N ILE A 303 -0.69 18.54 -0.74
CA ILE A 303 0.65 18.35 -0.16
C ILE A 303 1.29 19.69 0.19
N LYS A 304 1.14 20.61 -0.77
CA LYS A 304 1.70 21.94 -0.58
C LYS A 304 1.08 22.64 0.64
N SER A 305 -0.23 22.44 0.87
CA SER A 305 -0.77 23.15 2.03
C SER A 305 -0.41 22.52 3.36
N ASP A 306 -0.28 21.22 3.47
CA ASP A 306 0.02 20.63 4.76
C ASP A 306 1.42 20.20 5.09
N THR A 307 2.34 20.42 4.16
CA THR A 307 3.72 20.01 4.45
C THR A 307 4.66 21.13 4.05
N SER A 308 5.87 21.04 4.62
CA SER A 308 6.84 22.07 4.26
C SER A 308 8.27 21.50 4.25
N GLY A 309 9.19 22.38 3.88
CA GLY A 309 10.61 22.09 3.82
C GLY A 309 11.02 21.04 2.80
N ASP A 310 12.09 20.31 3.11
CA ASP A 310 12.60 19.28 2.23
C ASP A 310 11.59 18.13 2.12
N TYR A 311 10.86 17.91 3.21
CA TYR A 311 9.83 16.84 3.20
C TYR A 311 8.80 17.17 2.12
N GLU A 312 8.29 18.40 2.08
CA GLU A 312 7.31 18.81 1.09
C GLU A 312 7.85 18.66 -0.32
N ILE A 313 9.07 19.15 -0.55
CA ILE A 313 9.66 19.06 -1.89
C ILE A 313 9.75 17.63 -2.36
N THR A 314 10.19 16.75 -1.48
CA THR A 314 10.32 15.34 -1.87
C THR A 314 8.96 14.75 -2.24
N LEU A 315 7.92 15.05 -1.45
CA LEU A 315 6.60 14.53 -1.75
C LEU A 315 6.10 15.07 -3.07
N LEU A 316 6.39 16.35 -3.33
CA LEU A 316 5.92 16.96 -4.58
C LEU A 316 6.62 16.33 -5.77
N LYS A 317 7.88 15.96 -5.58
CA LYS A 317 8.61 15.34 -6.69
C LYS A 317 8.02 13.96 -6.95
N ILE A 318 7.66 13.26 -5.86
CA ILE A 318 7.08 11.93 -6.04
C ILE A 318 5.72 12.03 -6.75
N CYS A 319 4.93 13.01 -6.29
CA CYS A 319 3.59 13.31 -6.79
C CYS A 319 3.67 13.44 -8.30
N GLY A 320 4.69 14.20 -8.76
CA GLY A 320 4.95 14.38 -10.17
C GLY A 320 4.40 15.52 -10.96
N GLY A 321 3.33 16.14 -10.46
CA GLY A 321 2.76 17.27 -11.19
C GLY A 321 1.39 17.55 -10.58
N ASP A 322 0.83 18.65 -11.05
CA ASP A 322 -0.45 19.11 -10.60
C ASP A 322 -1.57 18.55 -11.47
N ASP A 323 -2.79 18.61 -10.96
CA ASP A 323 -3.96 18.14 -11.71
C ASP A 323 -4.97 19.30 -11.65
CA CA B . 27.07 15.16 6.53
CA CA C . 0.62 -4.01 18.97
CA CA D . -28.33 -11.42 9.28
CA CA E . -22.29 -1.90 10.71
CA CA F . -21.87 -15.41 13.46
#